data_7M53
#
_entry.id   7M53
#
_cell.length_a   93.183
_cell.length_b   60.360
_cell.length_c   79.699
_cell.angle_alpha   90.000
_cell.angle_beta   93.630
_cell.angle_gamma   90.000
#
_symmetry.space_group_name_H-M   'C 1 2 1'
#
loop_
_entity.id
_entity.type
_entity.pdbx_description
1 polymer 'Spike glycoprotein stem helix peptide'
2 polymer 'B6 antigen-binding (Fab) fragment heavy chain'
3 polymer 'B6 antigen-binding (Fab) fragment light chain'
4 non-polymer GLYCEROL
5 water water
#
loop_
_entity_poly.entity_id
_entity_poly.type
_entity_poly.pdbx_seq_one_letter_code
_entity_poly.pdbx_strand_id
1 'polypeptide(L)' DSFKEELDKYFKNHTS A
2 'polypeptide(L)'
;EVQLQQSGPVLVKPGASVRMSCKASGYTITDYYLNWVKQSHGKSLEWLGVLNPYSGGSLYSQTFKGKATLTVDRSSSTAY
LELNSLTSEDSAVYYCARQLGRGNGLDYWGQGTSVTVSSVSTKGPSVFPLAPSSKSTSGGTAALGCLVKDYFPEPVTVSW
NSGALTSGVHTFPAVLQSSGLYSLSSVVTVPSSSLGTQTYICNVNHKPSNTKVDKRVEPK
;
H
3 'polypeptide(L)'
;NIMMTQSPSSLAVSAGEKVTMSCKSSQSVLHSSDQKNYLAWYQQKPGQSPKLLIYWASTRESGVPDRFTGSGSGTDFTLT
ISSVQAEDLAVYFCHQYLSSYTFGGGTKLEIKRTVAAPSVFIFPPSDEQLKSGTASVVCLLNNFYPREAKVQWKVDNALQ
SGNSQESVTEQDSKDSTYSLSSTLTLSKADYEKHKVYACEVTHQGLSSPVTKSFNRGEC
;
L
#
# COMPACT_ATOMS: atom_id res chain seq x y z
N SER A 2 -19.58 16.23 27.99
CA SER A 2 -19.40 15.53 26.71
C SER A 2 -18.13 14.65 26.65
N PHE A 3 -17.67 14.34 25.43
CA PHE A 3 -16.72 13.23 25.26
C PHE A 3 -15.35 13.50 25.89
N LYS A 4 -14.87 14.75 25.88
CA LYS A 4 -13.57 15.05 26.50
C LYS A 4 -13.56 14.62 27.97
N GLU A 5 -14.65 14.83 28.69
CA GLU A 5 -14.69 14.41 30.09
C GLU A 5 -14.81 12.89 30.22
N GLU A 6 -15.46 12.21 29.26
CA GLU A 6 -15.48 10.75 29.31
C GLU A 6 -14.07 10.17 29.14
N LEU A 7 -13.28 10.76 28.23
CA LEU A 7 -11.88 10.35 28.11
C LEU A 7 -11.12 10.59 29.41
N ASP A 8 -11.30 11.78 30.02
CA ASP A 8 -10.61 12.10 31.27
C ASP A 8 -10.91 11.05 32.33
N LYS A 9 -12.19 10.72 32.50
CA LYS A 9 -12.58 9.72 33.50
C LYS A 9 -12.03 8.34 33.15
N TYR A 10 -12.11 7.94 31.88
CA TYR A 10 -11.66 6.60 31.48
C TYR A 10 -10.17 6.40 31.73
N PHE A 11 -9.36 7.40 31.41
CA PHE A 11 -7.92 7.32 31.58
C PHE A 11 -7.49 7.50 33.05
N GLU B 1 12.17 -5.75 20.73
CA GLU B 1 11.54 -4.60 20.11
C GLU B 1 10.02 -4.71 20.29
N VAL B 2 9.34 -3.58 20.47
CA VAL B 2 7.88 -3.58 20.49
C VAL B 2 7.35 -4.05 19.14
N GLN B 3 6.34 -4.93 19.19
CA GLN B 3 5.62 -5.31 17.96
C GLN B 3 4.14 -5.50 18.29
N LEU B 4 3.28 -5.12 17.35
CA LEU B 4 1.85 -5.41 17.41
C LEU B 4 1.54 -6.22 16.16
N GLN B 5 1.25 -7.52 16.34
CA GLN B 5 1.06 -8.44 15.22
C GLN B 5 -0.43 -8.70 15.09
N GLN B 6 -1.00 -8.28 13.96
CA GLN B 6 -2.43 -8.41 13.74
C GLN B 6 -2.71 -9.62 12.86
N SER B 7 -3.93 -10.16 12.98
CA SER B 7 -4.33 -11.33 12.21
C SER B 7 -4.53 -10.97 10.74
N GLY B 8 -4.63 -11.99 9.94
CA GLY B 8 -4.55 -11.83 8.50
C GLY B 8 -5.83 -11.34 7.88
N PRO B 9 -5.76 -11.02 6.59
CA PRO B 9 -6.91 -10.49 5.88
C PRO B 9 -8.02 -11.51 5.78
N VAL B 10 -9.25 -10.99 5.70
CA VAL B 10 -10.43 -11.86 5.66
C VAL B 10 -11.50 -11.29 4.76
N LEU B 11 -12.27 -12.21 4.20
CA LEU B 11 -13.47 -11.93 3.43
C LEU B 11 -14.67 -12.42 4.24
N VAL B 12 -15.66 -11.56 4.37
CA VAL B 12 -16.88 -11.91 5.09
CA VAL B 12 -16.87 -11.84 5.13
C VAL B 12 -18.09 -11.39 4.32
N LYS B 13 -19.24 -12.07 4.52
CA LYS B 13 -20.45 -11.66 3.82
C LYS B 13 -21.19 -10.57 4.58
N PRO B 14 -21.93 -9.73 3.87
CA PRO B 14 -22.75 -8.72 4.55
C PRO B 14 -23.65 -9.38 5.56
N GLY B 15 -23.78 -8.72 6.72
CA GLY B 15 -24.59 -9.21 7.81
C GLY B 15 -23.87 -10.11 8.79
N ALA B 16 -22.71 -10.63 8.41
CA ALA B 16 -21.93 -11.51 9.27
C ALA B 16 -21.19 -10.67 10.29
N SER B 17 -20.43 -11.35 11.16
CA SER B 17 -19.55 -10.73 12.12
C SER B 17 -18.13 -11.19 11.85
N VAL B 18 -17.17 -10.44 12.37
CA VAL B 18 -15.80 -10.85 12.21
C VAL B 18 -15.06 -10.44 13.47
N ARG B 19 -14.12 -11.26 13.88
CA ARG B 19 -13.28 -10.94 15.02
CA ARG B 19 -13.28 -10.96 15.03
C ARG B 19 -11.83 -11.04 14.57
N MET B 20 -11.05 -10.01 14.87
CA MET B 20 -9.65 -10.00 14.48
C MET B 20 -8.81 -9.77 15.73
N SER B 21 -7.53 -10.08 15.64
CA SER B 21 -6.65 -10.10 16.81
C SER B 21 -5.45 -9.17 16.65
N CYS B 22 -4.91 -8.78 17.80
CA CYS B 22 -3.76 -7.89 17.86
C CYS B 22 -2.90 -8.38 19.01
N LYS B 23 -1.76 -9.00 18.69
CA LYS B 23 -0.92 -9.63 19.71
C LYS B 23 0.29 -8.72 19.98
N ALA B 24 0.46 -8.35 21.24
CA ALA B 24 1.53 -7.46 21.66
C ALA B 24 2.73 -8.28 22.10
N SER B 25 3.92 -7.89 21.66
CA SER B 25 5.15 -8.51 22.12
C SER B 25 6.23 -7.45 22.25
N GLY B 26 7.31 -7.80 22.94
CA GLY B 26 8.37 -6.86 23.26
C GLY B 26 8.04 -5.87 24.36
N TYR B 27 6.87 -6.00 24.98
CA TYR B 27 6.50 -5.16 26.12
C TYR B 27 5.34 -5.85 26.83
N THR B 28 5.09 -5.42 28.07
CA THR B 28 3.98 -5.96 28.82
C THR B 28 2.68 -5.29 28.37
N ILE B 29 1.71 -6.10 27.91
CA ILE B 29 0.54 -5.53 27.25
C ILE B 29 -0.26 -4.63 28.18
N THR B 30 -0.23 -4.88 29.48
CA THR B 30 -1.05 -4.08 30.36
C THR B 30 -0.45 -2.70 30.65
N ASP B 31 0.77 -2.42 30.16
CA ASP B 31 1.42 -1.13 30.38
C ASP B 31 0.93 -0.01 29.47
N TYR B 32 0.09 -0.30 28.45
CA TYR B 32 -0.37 0.67 27.46
C TYR B 32 -1.81 0.36 27.08
N TYR B 33 -2.60 1.42 26.79
CA TYR B 33 -3.92 1.21 26.20
C TYR B 33 -3.77 0.76 24.76
N LEU B 34 -4.85 0.20 24.21
CA LEU B 34 -4.85 -0.19 22.81
C LEU B 34 -6.04 0.43 22.10
N ASN B 35 -5.77 1.17 21.03
CA ASN B 35 -6.81 1.80 20.23
C ASN B 35 -7.04 0.99 18.96
N TRP B 36 -8.22 1.14 18.40
CA TRP B 36 -8.50 0.61 17.08
C TRP B 36 -8.91 1.75 16.16
N VAL B 37 -8.32 1.76 14.94
CA VAL B 37 -8.48 2.85 13.98
C VAL B 37 -8.67 2.19 12.63
N LYS B 38 -9.70 2.60 11.90
CA LYS B 38 -10.07 2.11 10.57
CA LYS B 38 -9.85 2.01 10.59
C LYS B 38 -9.43 3.00 9.53
N GLN B 39 -8.90 2.42 8.46
CA GLN B 39 -8.43 3.20 7.32
C GLN B 39 -9.17 2.71 6.07
N SER B 40 -10.10 3.52 5.55
N SER B 40 -9.86 3.66 5.42
CA SER B 40 -10.95 3.03 4.47
CA SER B 40 -10.57 3.41 4.19
C SER B 40 -10.30 3.20 3.10
C SER B 40 -9.70 3.86 3.04
N HIS B 41 -9.50 4.24 2.98
N HIS B 41 -9.65 3.03 1.98
CA HIS B 41 -8.65 4.49 1.83
CA HIS B 41 -8.99 3.35 0.71
C HIS B 41 -7.48 5.33 2.35
C HIS B 41 -7.56 3.89 0.89
N GLY B 42 -6.52 5.59 1.47
N GLY B 42 -6.84 3.33 1.85
CA GLY B 42 -5.25 6.16 1.92
CA GLY B 42 -5.46 3.69 2.12
C GLY B 42 -5.33 7.52 2.58
C GLY B 42 -5.23 5.10 2.64
N LYS B 43 -6.37 8.29 2.32
N LYS B 43 -6.24 5.77 3.20
CA LYS B 43 -6.52 9.60 2.94
CA LYS B 43 -6.00 7.17 3.55
C LYS B 43 -7.64 9.63 3.98
C LYS B 43 -6.80 7.64 4.76
N SER B 44 -7.85 8.50 4.65
N SER B 44 -8.08 7.89 4.58
CA SER B 44 -8.89 8.39 5.66
CA SER B 44 -8.96 8.35 5.65
C SER B 44 -8.38 7.60 6.86
C SER B 44 -8.90 7.48 6.91
N LEU B 45 -8.67 8.12 8.06
CA LEU B 45 -8.52 7.41 9.33
C LEU B 45 -9.73 7.73 10.20
N GLU B 46 -10.29 6.70 10.87
CA GLU B 46 -11.44 6.88 11.73
C GLU B 46 -11.26 6.05 12.99
N TRP B 47 -11.44 6.69 14.16
CA TRP B 47 -11.21 6.00 15.42
C TRP B 47 -12.44 5.19 15.83
N LEU B 48 -12.21 3.95 16.27
CA LEU B 48 -13.30 3.12 16.78
C LEU B 48 -13.45 3.18 18.29
N GLY B 49 -12.35 3.12 19.00
CA GLY B 49 -12.43 3.05 20.45
C GLY B 49 -11.11 2.60 21.01
N VAL B 50 -11.10 2.48 22.35
CA VAL B 50 -9.89 2.17 23.08
C VAL B 50 -10.22 1.20 24.19
N LEU B 51 -9.29 0.28 24.44
CA LEU B 51 -9.39 -0.76 25.46
C LEU B 51 -8.19 -0.63 26.39
N ASN B 52 -8.39 -0.98 27.66
CA ASN B 52 -7.29 -0.99 28.61
C ASN B 52 -6.99 -2.46 28.89
N PRO B 53 -5.82 -2.98 28.50
CA PRO B 53 -5.58 -4.43 28.68
C PRO B 53 -5.63 -4.90 30.11
N TYR B 54 -5.28 -4.05 31.08
CA TYR B 54 -5.30 -4.48 32.47
C TYR B 54 -6.72 -4.73 32.95
N SER B 55 -7.58 -3.70 32.87
CA SER B 55 -8.94 -3.88 33.36
C SER B 55 -9.79 -4.66 32.36
N GLY B 56 -9.49 -4.57 31.08
CA GLY B 56 -10.39 -5.06 30.07
C GLY B 56 -11.52 -4.12 29.70
N GLY B 57 -11.59 -2.93 30.32
CA GLY B 57 -12.66 -1.99 30.04
C GLY B 57 -12.33 -1.13 28.82
N SER B 58 -13.37 -0.65 28.14
CA SER B 58 -13.22 0.03 26.85
C SER B 58 -14.05 1.31 26.81
N LEU B 59 -13.67 2.23 25.93
CA LEU B 59 -14.46 3.42 25.63
C LEU B 59 -14.59 3.50 24.12
N TYR B 60 -15.81 3.66 23.62
CA TYR B 60 -16.04 3.59 22.18
C TYR B 60 -16.43 4.94 21.60
N SER B 61 -16.05 5.19 20.37
CA SER B 61 -16.67 6.29 19.64
C SER B 61 -18.17 6.04 19.56
N GLN B 62 -18.95 7.13 19.63
CA GLN B 62 -20.39 6.99 19.44
C GLN B 62 -20.72 6.32 18.12
N THR B 63 -19.86 6.50 17.11
CA THR B 63 -20.09 5.95 15.79
C THR B 63 -20.08 4.42 15.83
N PHE B 64 -19.29 3.84 16.72
CA PHE B 64 -19.11 2.41 16.75
C PHE B 64 -19.75 1.76 17.96
N LYS B 65 -20.42 2.53 18.79
CA LYS B 65 -21.07 1.97 19.97
C LYS B 65 -22.07 0.90 19.52
N GLY B 66 -21.95 -0.29 20.10
CA GLY B 66 -22.82 -1.39 19.75
C GLY B 66 -22.50 -2.10 18.47
N LYS B 67 -21.58 -1.57 17.66
CA LYS B 67 -21.13 -2.17 16.41
C LYS B 67 -19.79 -2.89 16.58
N ALA B 68 -18.91 -2.35 17.42
CA ALA B 68 -17.60 -2.89 17.69
C ALA B 68 -17.56 -3.40 19.13
N THR B 69 -16.82 -4.48 19.35
CA THR B 69 -16.65 -4.98 20.72
C THR B 69 -15.18 -5.26 20.93
N LEU B 70 -14.58 -4.62 21.92
CA LEU B 70 -13.16 -4.77 22.22
C LEU B 70 -13.04 -5.70 23.41
N THR B 71 -12.13 -6.67 23.31
CA THR B 71 -11.88 -7.60 24.41
C THR B 71 -10.39 -7.89 24.46
N VAL B 72 -9.94 -8.57 25.50
CA VAL B 72 -8.54 -8.93 25.63
C VAL B 72 -8.40 -10.28 26.31
N ASP B 73 -7.38 -11.05 25.88
CA ASP B 73 -6.92 -12.26 26.57
C ASP B 73 -5.54 -11.93 27.12
N ARG B 74 -5.48 -11.57 28.41
CA ARG B 74 -4.20 -11.16 29.00
C ARG B 74 -3.20 -12.31 28.97
N SER B 75 -3.68 -13.54 29.15
CA SER B 75 -2.82 -14.74 29.18
C SER B 75 -1.98 -14.86 27.90
N SER B 76 -2.57 -14.58 26.73
CA SER B 76 -1.86 -14.67 25.46
C SER B 76 -1.43 -13.30 24.92
N SER B 77 -1.58 -12.24 25.72
CA SER B 77 -1.17 -10.90 25.33
C SER B 77 -1.81 -10.49 24.01
N THR B 78 -3.10 -10.76 23.89
CA THR B 78 -3.81 -10.59 22.62
C THR B 78 -5.10 -9.82 22.83
N ALA B 79 -5.26 -8.72 22.08
CA ALA B 79 -6.51 -7.97 22.03
C ALA B 79 -7.34 -8.38 20.82
N TYR B 80 -8.65 -8.17 20.93
CA TYR B 80 -9.59 -8.55 19.88
C TYR B 80 -10.55 -7.41 19.58
N LEU B 81 -10.89 -7.28 18.31
CA LEU B 81 -11.93 -6.39 17.84
C LEU B 81 -12.93 -7.28 17.12
N GLU B 82 -14.18 -7.25 17.56
CA GLU B 82 -15.27 -7.92 16.87
C GLU B 82 -16.17 -6.84 16.30
N LEU B 83 -16.57 -6.99 15.03
CA LEU B 83 -17.51 -6.08 14.42
C LEU B 83 -18.70 -6.92 14.00
N ASN B 84 -19.91 -6.43 14.24
CA ASN B 84 -21.10 -7.17 13.88
C ASN B 84 -21.86 -6.44 12.78
N SER B 85 -22.89 -7.12 12.25
CA SER B 85 -23.82 -6.53 11.28
C SER B 85 -23.08 -5.88 10.12
N LEU B 86 -22.14 -6.61 9.55
CA LEU B 86 -21.21 -6.00 8.60
C LEU B 86 -21.90 -5.56 7.31
N THR B 87 -21.48 -4.39 6.81
CA THR B 87 -21.97 -3.86 5.54
C THR B 87 -20.76 -3.63 4.64
N SER B 88 -21.05 -3.37 3.37
N SER B 88 -21.05 -3.38 3.36
CA SER B 88 -19.99 -3.05 2.42
CA SER B 88 -20.01 -3.03 2.42
C SER B 88 -19.15 -1.87 2.89
C SER B 88 -19.15 -1.89 2.92
N GLU B 89 -19.75 -0.94 3.63
CA GLU B 89 -19.06 0.23 4.16
C GLU B 89 -18.10 -0.11 5.30
N ASP B 90 -18.14 -1.32 5.82
CA ASP B 90 -17.18 -1.75 6.82
C ASP B 90 -15.90 -2.33 6.22
N SER B 91 -15.79 -2.47 4.90
CA SER B 91 -14.54 -2.92 4.30
C SER B 91 -13.47 -1.85 4.51
N ALA B 92 -12.34 -2.24 5.11
CA ALA B 92 -11.29 -1.28 5.44
C ALA B 92 -10.14 -2.07 6.04
N VAL B 93 -9.01 -1.40 6.19
CA VAL B 93 -7.93 -1.90 7.04
C VAL B 93 -8.14 -1.40 8.47
N TYR B 94 -8.11 -2.33 9.41
CA TYR B 94 -8.30 -2.02 10.82
C TYR B 94 -6.94 -2.12 11.52
N TYR B 95 -6.50 -1.02 12.12
CA TYR B 95 -5.25 -0.99 12.87
C TYR B 95 -5.51 -1.03 14.37
N CYS B 96 -4.63 -1.72 15.08
CA CYS B 96 -4.54 -1.52 16.51
CA CYS B 96 -4.47 -1.62 16.53
C CYS B 96 -3.32 -0.65 16.77
N ALA B 97 -3.38 0.15 17.83
CA ALA B 97 -2.35 1.14 18.08
C ALA B 97 -2.24 1.43 19.58
N ARG B 98 -1.04 1.35 20.12
N ARG B 98 -1.02 1.33 20.10
CA ARG B 98 -0.90 1.51 21.55
CA ARG B 98 -0.72 1.57 21.51
C ARG B 98 -0.80 2.99 21.92
C ARG B 98 -0.95 3.04 21.85
N GLN B 99 -1.28 3.27 23.13
CA GLN B 99 -1.31 4.63 23.68
C GLN B 99 -0.96 4.48 25.15
N LEU B 100 0.11 5.15 25.59
CA LEU B 100 0.56 4.95 26.98
C LEU B 100 -0.47 5.50 27.98
N GLY B 101 -0.95 6.71 27.76
CA GLY B 101 -1.93 7.33 28.63
C GLY B 101 -2.65 8.46 27.93
N ARG B 102 -3.44 9.19 28.71
CA ARG B 102 -4.42 10.14 28.15
C ARG B 102 -3.78 11.13 27.21
N GLY B 103 -2.61 11.64 27.60
CA GLY B 103 -1.95 12.73 26.95
C GLY B 103 -1.09 12.33 25.78
N ASN B 104 -0.96 11.04 25.55
CA ASN B 104 0.01 10.55 24.58
C ASN B 104 -0.59 10.33 23.21
N GLY B 105 0.29 10.37 22.21
CA GLY B 105 -0.10 9.96 20.88
C GLY B 105 -0.14 8.44 20.76
N LEU B 106 -0.52 7.98 19.56
CA LEU B 106 -0.57 6.55 19.26
C LEU B 106 0.83 6.16 18.77
N ASP B 107 1.65 5.63 19.66
CA ASP B 107 3.08 5.61 19.42
C ASP B 107 3.54 4.40 18.63
N TYR B 108 2.74 3.34 18.55
CA TYR B 108 3.10 2.17 17.76
C TYR B 108 1.82 1.53 17.24
N TRP B 109 1.83 1.21 15.94
CA TRP B 109 0.67 0.70 15.24
C TRP B 109 0.98 -0.69 14.72
N GLY B 110 -0.01 -1.60 14.78
CA GLY B 110 0.11 -2.89 14.09
C GLY B 110 0.11 -2.71 12.59
N GLN B 111 0.23 -3.83 11.89
CA GLN B 111 0.35 -3.74 10.44
C GLN B 111 -0.99 -3.65 9.74
N GLY B 112 -2.07 -3.76 10.50
CA GLY B 112 -3.42 -3.67 9.99
C GLY B 112 -3.95 -5.01 9.53
N THR B 113 -5.26 -5.16 9.66
CA THR B 113 -6.00 -6.30 9.13
C THR B 113 -6.99 -5.81 8.09
N SER B 114 -6.87 -6.28 6.85
CA SER B 114 -7.77 -5.90 5.78
C SER B 114 -9.03 -6.75 5.88
N VAL B 115 -10.17 -6.13 6.05
CA VAL B 115 -11.45 -6.82 6.03
C VAL B 115 -12.19 -6.41 4.77
N THR B 116 -12.59 -7.37 3.94
CA THR B 116 -13.47 -7.12 2.80
C THR B 116 -14.82 -7.73 3.12
N VAL B 117 -15.87 -6.91 3.02
CA VAL B 117 -17.26 -7.35 3.17
C VAL B 117 -17.88 -7.38 1.79
N SER B 118 -18.25 -8.57 1.34
CA SER B 118 -18.73 -8.72 -0.03
C SER B 118 -19.50 -9.99 -0.12
N SER B 119 -20.45 -9.99 -1.05
CA SER B 119 -21.15 -11.23 -1.42
CA SER B 119 -21.13 -11.24 -1.39
C SER B 119 -20.34 -12.09 -2.37
N VAL B 120 -19.26 -11.56 -2.95
CA VAL B 120 -18.45 -12.34 -3.86
C VAL B 120 -17.62 -13.33 -3.07
N SER B 121 -17.47 -14.54 -3.60
CA SER B 121 -16.75 -15.62 -2.96
CA SER B 121 -16.72 -15.50 -2.82
C SER B 121 -15.23 -15.45 -3.15
N THR B 122 -14.46 -16.04 -2.25
CA THR B 122 -13.02 -16.02 -2.42
CA THR B 122 -13.01 -16.03 -2.42
C THR B 122 -12.59 -16.80 -3.66
N LYS B 123 -11.52 -16.33 -4.28
CA LYS B 123 -10.92 -17.08 -5.38
C LYS B 123 -9.42 -16.88 -5.30
N GLY B 124 -8.66 -17.97 -5.36
CA GLY B 124 -7.22 -17.88 -5.32
C GLY B 124 -6.65 -17.62 -6.69
N PRO B 125 -5.50 -16.95 -6.74
CA PRO B 125 -4.92 -16.60 -8.03
C PRO B 125 -4.22 -17.76 -8.72
N SER B 126 -4.13 -17.63 -10.03
CA SER B 126 -3.14 -18.36 -10.80
C SER B 126 -1.86 -17.54 -10.82
N VAL B 127 -0.71 -18.21 -10.76
CA VAL B 127 0.57 -17.52 -10.73
C VAL B 127 1.39 -17.98 -11.92
N PHE B 128 1.77 -17.02 -12.78
CA PHE B 128 2.46 -17.36 -14.03
C PHE B 128 3.79 -16.62 -14.06
N PRO B 129 4.86 -17.23 -14.54
CA PRO B 129 6.12 -16.50 -14.68
C PRO B 129 6.02 -15.42 -15.76
N LEU B 130 6.80 -14.36 -15.54
CA LEU B 130 7.13 -13.31 -16.52
C LEU B 130 8.62 -13.54 -16.80
N ALA B 131 8.91 -14.31 -17.87
CA ALA B 131 10.26 -14.87 -17.97
C ALA B 131 11.16 -13.89 -18.71
N PRO B 132 12.40 -13.75 -18.24
CA PRO B 132 13.28 -12.80 -18.91
C PRO B 132 13.62 -13.36 -20.25
N SER B 133 13.73 -12.44 -21.18
CA SER B 133 14.03 -12.86 -22.53
C SER B 133 14.88 -11.78 -23.16
N SER B 134 15.12 -11.94 -24.45
CA SER B 134 15.86 -10.93 -25.19
CA SER B 134 15.88 -10.91 -25.13
C SER B 134 15.12 -9.60 -25.27
N LYS B 135 13.80 -9.59 -24.98
CA LYS B 135 12.97 -8.38 -25.05
C LYS B 135 12.66 -7.83 -23.67
N SER B 136 13.32 -8.39 -22.67
CA SER B 136 13.25 -7.85 -21.33
C SER B 136 14.64 -7.62 -20.78
N THR B 137 15.52 -7.06 -21.65
CA THR B 137 16.85 -6.59 -21.28
C THR B 137 17.01 -5.09 -21.54
N SER B 138 17.72 -4.41 -20.65
CA SER B 138 18.02 -2.99 -20.77
C SER B 138 19.45 -2.92 -20.27
N GLY B 139 20.43 -2.70 -21.16
CA GLY B 139 21.80 -2.47 -20.83
C GLY B 139 22.41 -3.27 -19.70
N GLY B 140 22.51 -4.58 -19.91
CA GLY B 140 23.12 -5.52 -19.02
C GLY B 140 22.21 -5.95 -17.92
N THR B 141 20.95 -5.52 -17.93
CA THR B 141 20.00 -5.93 -16.91
C THR B 141 18.87 -6.69 -17.54
N ALA B 142 18.26 -7.56 -16.77
CA ALA B 142 17.10 -8.32 -17.20
C ALA B 142 15.96 -8.07 -16.23
N ALA B 143 14.77 -7.92 -16.75
CA ALA B 143 13.57 -7.88 -15.93
C ALA B 143 12.90 -9.25 -15.92
N LEU B 144 12.34 -9.64 -14.80
CA LEU B 144 11.62 -10.90 -14.66
C LEU B 144 10.51 -10.67 -13.64
N GLY B 145 9.54 -11.58 -13.56
CA GLY B 145 8.44 -11.28 -12.67
C GLY B 145 7.50 -12.46 -12.48
N CYS B 146 6.38 -12.17 -11.82
CA CYS B 146 5.26 -13.09 -11.73
CA CYS B 146 5.27 -13.11 -11.78
C CYS B 146 3.98 -12.34 -11.94
N LEU B 147 3.07 -12.95 -12.71
CA LEU B 147 1.73 -12.44 -12.92
C LEU B 147 0.81 -13.22 -11.99
N VAL B 148 0.05 -12.50 -11.15
CA VAL B 148 -0.81 -13.13 -10.14
C VAL B 148 -2.23 -12.77 -10.56
N LYS B 149 -2.89 -13.71 -11.22
CA LYS B 149 -4.10 -13.41 -11.99
C LYS B 149 -5.35 -14.05 -11.39
N ASP B 150 -6.42 -13.26 -11.33
CA ASP B 150 -7.78 -13.74 -11.08
C ASP B 150 -7.98 -14.17 -9.64
N TYR B 151 -7.89 -13.22 -8.71
CA TYR B 151 -8.14 -13.55 -7.30
C TYR B 151 -9.15 -12.60 -6.69
N PHE B 152 -9.68 -13.01 -5.52
CA PHE B 152 -10.58 -12.14 -4.78
C PHE B 152 -10.57 -12.61 -3.34
N PRO B 153 -10.56 -11.69 -2.34
CA PRO B 153 -10.47 -10.23 -2.45
C PRO B 153 -8.99 -9.80 -2.41
N GLU B 154 -8.71 -8.51 -2.34
CA GLU B 154 -7.36 -8.11 -1.95
C GLU B 154 -7.18 -8.41 -0.47
N PRO B 155 -5.94 -8.53 0.00
CA PRO B 155 -4.68 -8.38 -0.74
C PRO B 155 -4.00 -9.71 -1.02
N VAL B 156 -3.12 -9.66 -1.99
CA VAL B 156 -2.10 -10.69 -2.28
CA VAL B 156 -2.14 -10.72 -2.10
C VAL B 156 -0.79 -10.11 -1.77
N THR B 157 0.04 -10.94 -1.17
CA THR B 157 1.41 -10.50 -0.89
CA THR B 157 1.42 -10.58 -0.80
C THR B 157 2.39 -11.29 -1.76
N VAL B 158 3.42 -10.58 -2.20
CA VAL B 158 4.44 -11.21 -3.03
C VAL B 158 5.78 -10.86 -2.40
N SER B 159 6.60 -11.88 -2.16
CA SER B 159 8.01 -11.68 -1.87
C SER B 159 8.83 -12.40 -2.93
N TRP B 160 10.12 -12.13 -2.93
CA TRP B 160 11.07 -12.79 -3.83
C TRP B 160 12.16 -13.47 -2.99
N ASN B 161 12.43 -14.72 -3.31
CA ASN B 161 13.49 -15.46 -2.65
C ASN B 161 13.32 -15.41 -1.14
N SER B 162 12.06 -15.57 -0.72
CA SER B 162 11.69 -15.63 0.69
C SER B 162 12.09 -14.37 1.45
N GLY B 163 12.13 -13.23 0.73
CA GLY B 163 12.44 -11.96 1.37
C GLY B 163 13.88 -11.56 1.24
N ALA B 164 14.73 -12.44 0.68
CA ALA B 164 16.12 -12.10 0.49
C ALA B 164 16.36 -11.19 -0.71
N LEU B 165 15.36 -11.07 -1.61
CA LEU B 165 15.49 -10.20 -2.75
C LEU B 165 14.43 -9.10 -2.64
N THR B 166 14.87 -7.87 -2.40
CA THR B 166 13.95 -6.73 -2.25
C THR B 166 14.37 -5.55 -3.13
N SER B 167 15.65 -5.43 -3.41
CA SER B 167 16.13 -4.33 -4.26
CA SER B 167 16.11 -4.32 -4.24
CA SER B 167 16.12 -4.33 -4.25
C SER B 167 15.57 -4.51 -5.65
N GLY B 168 15.10 -3.41 -6.24
CA GLY B 168 14.60 -3.44 -7.61
C GLY B 168 13.28 -4.12 -7.83
N VAL B 169 12.59 -4.54 -6.75
CA VAL B 169 11.27 -5.14 -6.89
C VAL B 169 10.22 -4.08 -7.07
N HIS B 170 9.29 -4.28 -8.01
CA HIS B 170 8.07 -3.48 -8.05
C HIS B 170 6.88 -4.41 -8.03
N THR B 171 6.08 -4.34 -6.98
CA THR B 171 4.86 -5.12 -6.88
C THR B 171 3.75 -4.12 -7.11
N PHE B 172 3.08 -4.23 -8.24
CA PHE B 172 2.18 -3.17 -8.72
C PHE B 172 0.85 -3.23 -7.96
N PRO B 173 0.14 -2.11 -7.85
CA PRO B 173 -1.25 -2.15 -7.34
C PRO B 173 -2.06 -3.07 -8.24
N ALA B 174 -2.94 -3.82 -7.62
CA ALA B 174 -3.81 -4.69 -8.40
C ALA B 174 -4.77 -3.88 -9.27
N VAL B 175 -5.21 -4.52 -10.38
CA VAL B 175 -6.27 -3.95 -11.21
C VAL B 175 -7.50 -4.81 -11.03
N LEU B 176 -8.66 -4.16 -11.10
CA LEU B 176 -9.94 -4.84 -11.00
C LEU B 176 -10.36 -5.20 -12.41
N GLN B 177 -10.47 -6.50 -12.68
CA GLN B 177 -10.83 -6.94 -14.03
C GLN B 177 -12.34 -6.83 -14.20
N SER B 178 -12.82 -6.97 -15.44
CA SER B 178 -14.24 -6.82 -15.70
C SER B 178 -15.02 -7.89 -14.99
N SER B 179 -14.39 -9.05 -14.76
CA SER B 179 -14.98 -10.15 -14.04
C SER B 179 -15.21 -9.85 -12.57
N GLY B 180 -14.65 -8.77 -12.03
CA GLY B 180 -14.70 -8.51 -10.61
C GLY B 180 -13.57 -9.16 -9.83
N LEU B 181 -12.68 -9.86 -10.50
CA LEU B 181 -11.47 -10.44 -9.92
C LEU B 181 -10.28 -9.51 -10.13
N TYR B 182 -9.31 -9.62 -9.22
CA TYR B 182 -8.13 -8.79 -9.30
C TYR B 182 -7.00 -9.50 -10.04
N SER B 183 -6.06 -8.71 -10.56
CA SER B 183 -4.81 -9.24 -11.09
CA SER B 183 -4.79 -9.26 -11.02
CA SER B 183 -4.81 -9.26 -11.04
C SER B 183 -3.69 -8.28 -10.69
N LEU B 184 -2.51 -8.82 -10.40
CA LEU B 184 -1.35 -7.95 -10.21
C LEU B 184 -0.13 -8.58 -10.76
N SER B 185 0.87 -7.73 -10.98
CA SER B 185 2.19 -8.22 -11.36
CA SER B 185 2.18 -8.26 -11.33
C SER B 185 3.22 -7.77 -10.34
N SER B 186 4.28 -8.55 -10.22
CA SER B 186 5.43 -8.20 -9.40
C SER B 186 6.67 -8.49 -10.24
N VAL B 187 7.56 -7.52 -10.36
CA VAL B 187 8.72 -7.66 -11.24
C VAL B 187 9.98 -7.28 -10.47
N VAL B 188 11.12 -7.68 -11.02
CA VAL B 188 12.39 -7.29 -10.45
CA VAL B 188 12.43 -7.37 -10.43
C VAL B 188 13.40 -7.20 -11.58
N THR B 189 14.34 -6.25 -11.47
CA THR B 189 15.44 -6.17 -12.42
CA THR B 189 15.45 -6.11 -12.40
C THR B 189 16.69 -6.71 -11.76
N VAL B 190 17.41 -7.53 -12.52
CA VAL B 190 18.58 -8.23 -11.99
C VAL B 190 19.69 -8.17 -13.04
N PRO B 191 20.92 -8.58 -12.72
CA PRO B 191 21.97 -8.60 -13.76
C PRO B 191 21.63 -9.66 -14.81
N SER B 192 21.82 -9.31 -16.09
CA SER B 192 21.67 -10.38 -17.07
CA SER B 192 21.73 -10.34 -17.11
C SER B 192 22.82 -11.39 -16.96
N SER B 193 24.00 -10.98 -16.45
CA SER B 193 25.17 -11.85 -16.47
C SER B 193 25.00 -13.08 -15.59
N SER B 194 24.17 -13.00 -14.57
CA SER B 194 24.06 -14.06 -13.58
C SER B 194 22.73 -14.81 -13.63
N LEU B 195 21.97 -14.70 -14.73
CA LEU B 195 20.70 -15.44 -14.81
C LEU B 195 20.93 -16.95 -14.69
N GLY B 196 22.11 -17.45 -15.08
CA GLY B 196 22.36 -18.89 -14.97
C GLY B 196 22.81 -19.35 -13.59
N THR B 197 23.34 -18.46 -12.75
CA THR B 197 23.78 -18.89 -11.43
C THR B 197 22.79 -18.56 -10.32
N GLN B 198 21.92 -17.57 -10.51
CA GLN B 198 21.00 -17.16 -9.46
C GLN B 198 19.66 -17.82 -9.73
N THR B 199 18.89 -18.02 -8.67
CA THR B 199 17.56 -18.60 -8.74
CA THR B 199 17.57 -18.60 -8.75
C THR B 199 16.59 -17.57 -8.22
N TYR B 200 15.54 -17.31 -8.99
CA TYR B 200 14.54 -16.30 -8.64
C TYR B 200 13.21 -17.01 -8.49
N ILE B 201 12.61 -16.88 -7.31
CA ILE B 201 11.35 -17.51 -6.96
C ILE B 201 10.44 -16.44 -6.38
N CYS B 202 9.24 -16.28 -6.96
N CYS B 202 9.21 -16.36 -6.86
CA CYS B 202 8.28 -15.40 -6.31
CA CYS B 202 8.23 -15.39 -6.39
C CYS B 202 7.42 -16.21 -5.37
C CYS B 202 7.24 -16.08 -5.45
N ASN B 203 7.21 -15.66 -4.17
CA ASN B 203 6.44 -16.34 -3.14
C ASN B 203 5.13 -15.55 -3.03
N VAL B 204 4.05 -16.18 -3.43
CA VAL B 204 2.78 -15.50 -3.50
C VAL B 204 1.90 -16.07 -2.42
N ASN B 205 1.30 -15.18 -1.63
CA ASN B 205 0.37 -15.59 -0.59
CA ASN B 205 0.37 -15.60 -0.57
C ASN B 205 -0.95 -14.88 -0.80
N HIS B 206 -2.04 -15.64 -0.82
CA HIS B 206 -3.35 -15.02 -0.84
C HIS B 206 -4.10 -15.69 0.31
N LYS B 207 -4.04 -15.08 1.48
CA LYS B 207 -4.55 -15.75 2.65
C LYS B 207 -6.03 -16.14 2.51
N PRO B 208 -6.90 -15.32 1.96
CA PRO B 208 -8.33 -15.72 1.89
C PRO B 208 -8.62 -17.00 1.09
N SER B 209 -7.77 -17.38 0.14
CA SER B 209 -8.01 -18.57 -0.68
C SER B 209 -7.01 -19.66 -0.34
N ASN B 210 -6.25 -19.47 0.75
CA ASN B 210 -5.16 -20.40 1.15
C ASN B 210 -4.12 -20.61 0.09
N THR B 211 -3.98 -19.68 -0.84
CA THR B 211 -2.99 -19.86 -1.86
C THR B 211 -1.67 -19.50 -1.23
N LYS B 212 -0.73 -20.44 -1.27
CA LYS B 212 0.68 -20.17 -1.04
C LYS B 212 1.36 -20.87 -2.20
N VAL B 213 1.87 -20.07 -3.14
CA VAL B 213 2.53 -20.58 -4.34
C VAL B 213 3.94 -20.04 -4.37
N ASP B 214 4.91 -20.90 -4.65
CA ASP B 214 6.25 -20.45 -5.00
C ASP B 214 6.44 -20.76 -6.46
N LYS B 215 6.83 -19.77 -7.24
CA LYS B 215 7.06 -20.02 -8.66
C LYS B 215 8.49 -19.63 -9.04
N ARG B 216 9.24 -20.60 -9.60
CA ARG B 216 10.57 -20.33 -10.10
CA ARG B 216 10.57 -20.33 -10.10
CA ARG B 216 10.57 -20.33 -10.11
C ARG B 216 10.45 -19.66 -11.47
N VAL B 217 11.18 -18.58 -11.66
CA VAL B 217 11.11 -17.81 -12.90
C VAL B 217 12.45 -17.94 -13.57
N GLU B 218 12.50 -18.60 -14.73
CA GLU B 218 13.74 -18.85 -15.44
CA GLU B 218 13.75 -18.85 -15.43
C GLU B 218 13.67 -18.26 -16.82
N PRO B 219 14.83 -18.00 -17.46
CA PRO B 219 14.81 -17.47 -18.83
C PRO B 219 14.05 -18.41 -19.73
N LYS B 220 13.28 -17.84 -20.66
CA LYS B 220 12.40 -18.60 -21.55
C LYS B 220 13.17 -19.54 -22.50
N ASN C 1 -18.36 16.36 17.16
CA ASN C 1 -16.94 16.03 17.21
C ASN C 1 -16.09 17.21 16.72
N ILE C 2 -14.85 17.27 17.18
CA ILE C 2 -13.91 18.26 16.66
C ILE C 2 -13.48 17.83 15.27
N MET C 3 -13.64 18.72 14.29
CA MET C 3 -13.28 18.41 12.91
C MET C 3 -11.88 18.95 12.61
N MET C 4 -11.06 18.10 11.98
CA MET C 4 -9.69 18.42 11.61
C MET C 4 -9.58 18.63 10.11
N THR C 5 -9.01 19.76 9.68
CA THR C 5 -8.89 20.09 8.26
C THR C 5 -7.44 20.35 7.94
N GLN C 6 -6.91 19.59 6.99
CA GLN C 6 -5.51 19.73 6.60
C GLN C 6 -5.41 20.38 5.23
N SER C 7 -4.37 21.17 5.06
N SER C 7 -4.35 21.16 5.05
CA SER C 7 -4.10 21.75 3.76
CA SER C 7 -4.11 21.81 3.77
C SER C 7 -2.61 21.89 3.61
C SER C 7 -2.60 21.94 3.61
N PRO C 8 -2.07 21.82 2.38
CA PRO C 8 -2.80 21.53 1.14
C PRO C 8 -3.09 20.02 1.07
N SER C 9 -3.90 19.61 0.09
CA SER C 9 -4.20 18.19 -0.05
C SER C 9 -2.95 17.40 -0.42
N SER C 10 -2.08 18.01 -1.22
CA SER C 10 -0.85 17.39 -1.65
C SER C 10 0.09 18.51 -2.00
N LEU C 11 1.37 18.18 -1.95
CA LEU C 11 2.35 19.12 -2.48
C LEU C 11 3.58 18.34 -2.90
N ALA C 12 4.34 18.96 -3.76
CA ALA C 12 5.47 18.29 -4.38
C ALA C 12 6.66 19.22 -4.25
N VAL C 13 7.78 18.71 -3.72
CA VAL C 13 9.00 19.51 -3.60
C VAL C 13 10.20 18.66 -3.96
N SER C 14 11.29 19.34 -4.34
CA SER C 14 12.57 18.69 -4.54
C SER C 14 13.24 18.43 -3.20
N ALA C 15 14.09 17.41 -3.17
CA ALA C 15 14.86 17.15 -1.96
C ALA C 15 15.67 18.39 -1.61
N GLY C 16 15.68 18.69 -0.30
CA GLY C 16 16.40 19.80 0.26
C GLY C 16 15.53 21.01 0.52
N GLU C 17 14.33 21.05 -0.05
CA GLU C 17 13.43 22.16 0.16
C GLU C 17 12.72 22.04 1.51
N LYS C 18 12.29 23.16 2.05
CA LYS C 18 11.48 23.18 3.27
C LYS C 18 10.02 23.11 2.89
N VAL C 19 9.23 22.35 3.66
CA VAL C 19 7.78 22.25 3.46
CA VAL C 19 7.78 22.34 3.45
C VAL C 19 7.06 22.64 4.75
N THR C 20 5.90 23.24 4.61
CA THR C 20 5.00 23.41 5.75
CA THR C 20 4.98 23.55 5.70
C THR C 20 3.62 22.97 5.33
N MET C 21 2.93 22.36 6.28
CA MET C 21 1.57 21.94 6.05
C MET C 21 0.74 22.28 7.27
N SER C 22 -0.53 22.54 7.02
CA SER C 22 -1.42 23.11 8.01
C SER C 22 -2.44 22.09 8.48
N CYS C 23 -2.83 22.22 9.74
CA CYS C 23 -3.90 21.42 10.32
C CYS C 23 -4.70 22.39 11.16
N LYS C 24 -5.99 22.52 10.85
CA LYS C 24 -6.89 23.38 11.64
C LYS C 24 -7.93 22.54 12.35
N SER C 25 -8.16 22.81 13.64
CA SER C 25 -9.22 22.15 14.36
C SER C 25 -10.44 23.09 14.43
N SER C 26 -11.62 22.50 14.49
CA SER C 26 -12.84 23.31 14.54
C SER C 26 -13.08 23.92 15.90
N GLN C 27 -12.41 23.44 16.94
CA GLN C 27 -12.43 24.07 18.24
C GLN C 27 -11.10 23.77 18.91
N SER C 28 -10.86 24.42 20.07
CA SER C 28 -9.61 24.24 20.78
C SER C 28 -9.38 22.78 21.13
N VAL C 29 -8.11 22.35 21.05
CA VAL C 29 -7.73 21.02 21.49
C VAL C 29 -6.86 21.09 22.74
N LEU C 30 -6.91 22.23 23.43
CA LEU C 30 -6.12 22.47 24.63
C LEU C 30 -6.77 21.72 25.80
N HIS C 31 -6.02 20.82 26.43
CA HIS C 31 -6.49 20.06 27.58
C HIS C 31 -6.13 20.84 28.86
N SER C 32 -7.14 21.15 29.67
CA SER C 32 -6.94 22.12 30.75
C SER C 32 -6.06 21.59 31.88
N SER C 33 -6.14 20.28 32.19
CA SER C 33 -5.49 19.81 33.42
C SER C 33 -3.97 19.84 33.30
N ASP C 34 -3.45 19.75 32.08
CA ASP C 34 -2.01 19.78 31.81
C ASP C 34 -1.60 20.88 30.85
N GLN C 35 -2.54 21.71 30.41
CA GLN C 35 -2.24 22.79 29.49
C GLN C 35 -1.46 22.32 28.26
N LYS C 36 -1.82 21.15 27.74
CA LYS C 36 -1.23 20.61 26.52
CA LYS C 36 -1.23 20.61 26.52
C LYS C 36 -2.27 20.62 25.41
N ASN C 37 -1.83 20.97 24.18
CA ASN C 37 -2.68 20.77 23.01
C ASN C 37 -2.62 19.30 22.63
N TYR C 38 -3.76 18.62 22.70
CA TYR C 38 -3.83 17.17 22.42
C TYR C 38 -3.92 16.96 20.91
N LEU C 39 -2.78 17.19 20.27
CA LEU C 39 -2.66 17.22 18.82
C LEU C 39 -1.40 16.43 18.48
N ALA C 40 -1.55 15.45 17.59
CA ALA C 40 -0.42 14.63 17.17
C ALA C 40 -0.32 14.64 15.65
N TRP C 41 0.89 14.43 15.16
CA TRP C 41 1.13 14.21 13.73
C TRP C 41 1.69 12.82 13.52
N TYR C 42 1.26 12.20 12.42
CA TYR C 42 1.73 10.89 11.98
C TYR C 42 2.20 10.98 10.54
N GLN C 43 3.16 10.13 10.22
CA GLN C 43 3.67 9.94 8.88
C GLN C 43 3.27 8.53 8.45
N GLN C 44 2.66 8.41 7.28
CA GLN C 44 2.34 7.09 6.73
C GLN C 44 2.96 6.93 5.35
N LYS C 45 4.07 6.19 5.30
CA LYS C 45 4.74 5.88 4.05
C LYS C 45 3.93 4.82 3.30
N PRO C 46 4.09 4.75 1.98
CA PRO C 46 3.25 3.85 1.18
C PRO C 46 3.40 2.42 1.65
N GLY C 47 2.28 1.76 1.87
CA GLY C 47 2.31 0.38 2.28
C GLY C 47 2.69 0.13 3.73
N GLN C 48 2.88 1.17 4.53
CA GLN C 48 3.26 1.01 5.92
C GLN C 48 2.13 1.49 6.81
N SER C 49 2.25 1.19 8.10
CA SER C 49 1.32 1.73 9.07
CA SER C 49 1.31 1.73 9.06
C SER C 49 1.76 3.13 9.46
N PRO C 50 0.85 3.94 10.03
CA PRO C 50 1.26 5.28 10.47
C PRO C 50 2.31 5.19 11.56
N LYS C 51 3.21 6.19 11.58
CA LYS C 51 4.28 6.35 12.57
C LYS C 51 4.05 7.67 13.27
N LEU C 52 4.11 7.67 14.62
CA LEU C 52 3.95 8.90 15.39
C LEU C 52 5.18 9.79 15.25
N LEU C 53 4.97 11.04 14.84
CA LEU C 53 6.07 12.01 14.75
C LEU C 53 6.10 13.00 15.91
N ILE C 54 4.95 13.57 16.24
CA ILE C 54 4.82 14.71 17.16
C ILE C 54 3.59 14.45 18.03
N TYR C 55 3.68 14.80 19.33
CA TYR C 55 2.49 14.89 20.15
C TYR C 55 2.57 16.15 21.01
N TRP C 56 1.47 16.47 21.67
CA TRP C 56 1.35 17.76 22.39
C TRP C 56 1.61 18.94 21.45
N ALA C 57 1.27 18.76 20.15
CA ALA C 57 1.49 19.74 19.07
C ALA C 57 2.95 19.99 18.70
N SER C 58 3.85 19.97 19.67
CA SER C 58 5.21 20.40 19.36
C SER C 58 6.31 19.54 19.94
N THR C 59 6.00 18.43 20.59
CA THR C 59 7.03 17.56 21.17
C THR C 59 7.34 16.42 20.21
N ARG C 60 8.59 16.30 19.81
CA ARG C 60 8.96 15.29 18.84
C ARG C 60 9.11 13.94 19.55
N GLU C 61 8.54 12.89 18.98
CA GLU C 61 8.67 11.52 19.49
C GLU C 61 10.11 11.01 19.36
N SER C 62 10.53 10.18 20.31
CA SER C 62 11.89 9.64 20.28
C SER C 62 12.19 8.93 18.97
N GLY C 63 13.37 9.21 18.39
CA GLY C 63 13.78 8.61 17.14
C GLY C 63 13.34 9.35 15.88
N VAL C 64 12.46 10.32 16.00
CA VAL C 64 12.03 11.11 14.85
C VAL C 64 13.13 12.10 14.49
N PRO C 65 13.56 12.15 13.22
CA PRO C 65 14.57 13.12 12.80
C PRO C 65 14.20 14.54 13.20
N ASP C 66 15.21 15.35 13.55
CA ASP C 66 14.89 16.70 14.00
C ASP C 66 14.46 17.65 12.87
N ARG C 67 14.51 17.21 11.60
CA ARG C 67 13.96 18.02 10.53
C ARG C 67 12.45 18.19 10.63
N PHE C 68 11.76 17.38 11.45
CA PHE C 68 10.31 17.47 11.62
C PHE C 68 10.02 18.29 12.86
N THR C 69 9.24 19.36 12.71
CA THR C 69 8.89 20.22 13.86
CA THR C 69 8.89 20.18 13.87
C THR C 69 7.41 20.55 13.79
N GLY C 70 6.72 20.34 14.89
CA GLY C 70 5.33 20.72 15.02
C GLY C 70 5.25 22.04 15.77
N SER C 71 4.29 22.87 15.39
CA SER C 71 4.08 24.14 16.07
C SER C 71 2.61 24.51 16.01
N GLY C 72 2.26 25.60 16.69
CA GLY C 72 0.90 26.10 16.68
C GLY C 72 0.24 25.96 18.04
N SER C 73 -0.93 26.57 18.14
CA SER C 73 -1.72 26.60 19.35
C SER C 73 -3.13 26.99 18.94
N GLY C 74 -4.05 26.88 19.88
CA GLY C 74 -5.44 27.21 19.63
C GLY C 74 -6.04 26.25 18.63
N THR C 75 -6.37 26.77 17.45
CA THR C 75 -6.92 25.89 16.43
C THR C 75 -6.03 25.75 15.22
N ASP C 76 -4.86 26.37 15.20
CA ASP C 76 -4.02 26.39 14.01
C ASP C 76 -2.67 25.73 14.27
N PHE C 77 -2.41 24.62 13.59
CA PHE C 77 -1.21 23.85 13.79
C PHE C 77 -0.46 23.70 12.48
N THR C 78 0.84 23.45 12.63
CA THR C 78 1.72 23.33 11.47
C THR C 78 2.71 22.21 11.71
N LEU C 79 2.98 21.46 10.64
CA LEU C 79 4.12 20.57 10.59
C LEU C 79 5.07 21.14 9.56
N THR C 80 6.33 21.29 9.96
CA THR C 80 7.36 21.78 9.06
C THR C 80 8.40 20.70 8.90
N ILE C 81 8.81 20.42 7.66
CA ILE C 81 9.97 19.59 7.40
C ILE C 81 11.05 20.52 6.85
N SER C 82 12.15 20.63 7.58
CA SER C 82 13.07 21.73 7.29
C SER C 82 13.81 21.51 5.98
N SER C 83 14.13 20.23 5.66
CA SER C 83 14.94 19.89 4.49
C SER C 83 14.45 18.52 4.04
N VAL C 84 13.53 18.51 3.07
CA VAL C 84 12.87 17.25 2.71
C VAL C 84 13.88 16.28 2.09
N GLN C 85 13.78 15.02 2.49
CA GLN C 85 14.56 13.96 1.86
CA GLN C 85 14.54 13.91 1.94
C GLN C 85 13.64 13.06 1.07
N ALA C 86 14.24 12.34 0.10
CA ALA C 86 13.47 11.48 -0.79
C ALA C 86 12.63 10.48 -0.03
N GLU C 87 13.12 10.02 1.14
CA GLU C 87 12.36 9.01 1.87
CA GLU C 87 12.40 9.02 1.93
C GLU C 87 11.23 9.61 2.70
N ASP C 88 11.02 10.92 2.63
CA ASP C 88 9.95 11.55 3.40
C ASP C 88 8.64 11.50 2.64
N LEU C 89 8.62 10.94 1.42
CA LEU C 89 7.34 10.91 0.74
C LEU C 89 6.39 10.03 1.58
N ALA C 90 5.17 10.53 1.78
CA ALA C 90 4.24 9.92 2.73
C ALA C 90 2.96 10.74 2.71
N VAL C 91 1.95 10.23 3.36
CA VAL C 91 0.80 11.05 3.77
C VAL C 91 0.98 11.39 5.25
N TYR C 92 0.89 12.68 5.54
CA TYR C 92 1.06 13.18 6.91
C TYR C 92 -0.32 13.51 7.46
N PHE C 93 -0.66 12.96 8.63
CA PHE C 93 -1.97 13.18 9.23
C PHE C 93 -1.82 13.92 10.55
N CYS C 94 -2.75 14.83 10.79
CA CYS C 94 -2.91 15.30 12.17
C CYS C 94 -4.05 14.58 12.87
N HIS C 95 -4.07 14.72 14.20
CA HIS C 95 -4.95 13.92 15.05
C HIS C 95 -5.20 14.71 16.31
N GLN C 96 -6.47 14.95 16.65
CA GLN C 96 -6.74 15.50 17.97
C GLN C 96 -7.29 14.40 18.85
N TYR C 97 -6.88 14.43 20.13
CA TYR C 97 -7.33 13.43 21.09
C TYR C 97 -7.84 14.10 22.36
N LEU C 98 -8.26 15.35 22.25
CA LEU C 98 -8.93 15.98 23.38
C LEU C 98 -10.29 15.35 23.59
N SER C 99 -11.05 15.20 22.52
CA SER C 99 -12.39 14.66 22.56
C SER C 99 -12.33 13.36 21.71
N SER C 100 -13.50 12.77 21.43
CA SER C 100 -13.58 11.59 20.56
C SER C 100 -12.61 11.73 19.39
N TYR C 101 -11.68 10.79 19.26
CA TYR C 101 -10.49 11.08 18.45
C TYR C 101 -10.88 11.31 17.01
N THR C 102 -10.29 12.31 16.37
CA THR C 102 -10.53 12.56 14.95
C THR C 102 -9.22 12.89 14.28
N PHE C 103 -9.17 12.63 12.97
CA PHE C 103 -7.97 12.83 12.18
C PHE C 103 -8.27 13.78 11.04
N GLY C 104 -7.24 14.51 10.61
CA GLY C 104 -7.33 15.24 9.38
C GLY C 104 -7.32 14.29 8.17
N GLY C 105 -7.64 14.84 6.98
CA GLY C 105 -7.71 14.04 5.77
C GLY C 105 -6.37 13.80 5.15
N GLY C 106 -5.28 14.32 5.72
CA GLY C 106 -3.94 14.04 5.24
C GLY C 106 -3.43 15.06 4.24
N THR C 107 -2.12 15.25 4.24
CA THR C 107 -1.42 15.97 3.19
C THR C 107 -0.44 14.98 2.59
N LYS C 108 -0.54 14.74 1.28
CA LYS C 108 0.35 13.84 0.55
C LYS C 108 1.57 14.62 0.07
N LEU C 109 2.76 14.27 0.56
CA LEU C 109 4.00 14.92 0.17
C LEU C 109 4.63 14.05 -0.90
N GLU C 110 4.76 14.62 -2.08
CA GLU C 110 5.39 13.96 -3.23
C GLU C 110 6.75 14.61 -3.47
N ILE C 111 7.63 13.89 -4.19
CA ILE C 111 8.99 14.38 -4.42
C ILE C 111 9.19 14.71 -5.90
N LYS C 112 9.76 15.85 -6.19
CA LYS C 112 10.16 16.25 -7.54
C LYS C 112 11.61 15.84 -7.81
N ARG C 113 11.90 15.43 -9.03
CA ARG C 113 13.26 15.04 -9.40
C ARG C 113 13.43 15.29 -10.90
N THR C 114 14.62 14.98 -11.41
CA THR C 114 14.85 15.17 -12.85
C THR C 114 14.07 14.16 -13.68
N VAL C 115 13.86 14.54 -14.95
CA VAL C 115 13.20 13.64 -15.88
C VAL C 115 14.01 12.36 -16.03
N ALA C 116 13.30 11.23 -16.04
CA ALA C 116 13.93 9.92 -16.23
C ALA C 116 13.04 9.15 -17.19
N ALA C 117 13.59 8.72 -18.35
CA ALA C 117 12.81 7.94 -19.30
C ALA C 117 12.62 6.53 -18.76
N PRO C 118 11.52 5.87 -19.08
CA PRO C 118 11.32 4.49 -18.63
C PRO C 118 12.27 3.55 -19.35
N SER C 119 12.62 2.48 -18.65
CA SER C 119 13.24 1.32 -19.29
C SER C 119 12.10 0.36 -19.57
N VAL C 120 11.97 -0.10 -20.83
CA VAL C 120 10.76 -0.80 -21.23
C VAL C 120 11.12 -2.27 -21.47
N PHE C 121 10.25 -3.17 -21.02
CA PHE C 121 10.41 -4.61 -21.18
C PHE C 121 9.08 -5.20 -21.57
N ILE C 122 9.09 -6.26 -22.41
CA ILE C 122 7.85 -6.91 -22.74
C ILE C 122 7.98 -8.39 -22.45
N PHE C 123 6.87 -9.00 -22.04
CA PHE C 123 6.82 -10.40 -21.62
C PHE C 123 5.73 -11.15 -22.38
N PRO C 124 6.07 -12.16 -23.15
CA PRO C 124 5.05 -13.02 -23.75
C PRO C 124 4.30 -13.79 -22.66
N PRO C 125 3.13 -14.31 -22.98
CA PRO C 125 2.44 -15.21 -22.05
C PRO C 125 3.29 -16.43 -21.75
N SER C 126 3.16 -16.93 -20.53
CA SER C 126 3.82 -18.19 -20.16
C SER C 126 3.19 -19.35 -20.94
N ASP C 127 3.96 -20.40 -21.13
CA ASP C 127 3.39 -21.61 -21.74
C ASP C 127 2.32 -22.18 -20.84
N GLU C 128 2.53 -22.09 -19.53
CA GLU C 128 1.54 -22.60 -18.58
C GLU C 128 0.19 -21.91 -18.78
N GLN C 129 0.18 -20.57 -18.85
CA GLN C 129 -1.08 -19.86 -19.04
C GLN C 129 -1.72 -20.22 -20.38
N LEU C 130 -0.90 -20.27 -21.44
CA LEU C 130 -1.45 -20.60 -22.76
C LEU C 130 -2.19 -21.92 -22.76
N LYS C 131 -1.64 -22.92 -22.06
CA LYS C 131 -2.27 -24.24 -22.00
C LYS C 131 -3.69 -24.16 -21.46
N SER C 132 -3.99 -23.12 -20.68
CA SER C 132 -5.30 -22.93 -20.05
C SER C 132 -6.26 -22.09 -20.87
N GLY C 133 -5.83 -21.56 -22.00
CA GLY C 133 -6.76 -20.92 -22.93
C GLY C 133 -6.70 -19.40 -22.99
N THR C 134 -5.81 -18.75 -22.22
CA THR C 134 -5.73 -17.30 -22.21
C THR C 134 -4.27 -16.89 -22.38
N ALA C 135 -4.06 -15.71 -22.96
CA ALA C 135 -2.74 -15.14 -23.18
C ALA C 135 -2.74 -13.74 -22.57
N SER C 136 -1.91 -13.55 -21.57
CA SER C 136 -1.68 -12.23 -20.99
C SER C 136 -0.30 -11.82 -21.41
N VAL C 137 -0.19 -10.66 -22.06
CA VAL C 137 1.08 -10.10 -22.50
C VAL C 137 1.35 -8.86 -21.63
N VAL C 138 2.54 -8.76 -21.07
CA VAL C 138 2.79 -7.72 -20.09
C VAL C 138 3.88 -6.78 -20.60
N CYS C 139 3.64 -5.48 -20.47
CA CYS C 139 4.64 -4.47 -20.79
C CYS C 139 4.97 -3.75 -19.50
N LEU C 140 6.26 -3.61 -19.23
CA LEU C 140 6.74 -2.98 -18.00
C LEU C 140 7.51 -1.72 -18.39
N LEU C 141 7.18 -0.60 -17.71
CA LEU C 141 7.88 0.67 -17.85
C LEU C 141 8.53 0.90 -16.50
N ASN C 142 9.83 0.81 -16.42
CA ASN C 142 10.49 0.84 -15.14
CA ASN C 142 10.53 0.82 -15.14
C ASN C 142 11.17 2.16 -14.86
N ASN C 143 10.97 2.67 -13.62
CA ASN C 143 11.75 3.74 -13.00
CA ASN C 143 11.78 3.73 -13.01
C ASN C 143 11.81 5.01 -13.84
N PHE C 144 10.64 5.62 -14.04
CA PHE C 144 10.57 6.85 -14.83
C PHE C 144 10.02 8.01 -14.02
N TYR C 145 10.22 9.21 -14.54
CA TYR C 145 9.67 10.39 -13.86
C TYR C 145 9.58 11.50 -14.92
N PRO C 146 8.51 12.28 -14.98
CA PRO C 146 7.33 12.28 -14.11
C PRO C 146 6.41 11.09 -14.37
N ARG C 147 5.32 11.02 -13.63
N ARG C 147 5.28 11.10 -13.68
CA ARG C 147 4.52 9.81 -13.66
CA ARG C 147 4.39 9.94 -13.60
C ARG C 147 3.69 9.65 -14.95
C ARG C 147 3.64 9.69 -14.89
N GLU C 148 3.42 10.72 -15.68
CA GLU C 148 2.58 10.60 -16.88
C GLU C 148 3.31 9.78 -17.94
N ALA C 149 2.65 8.78 -18.45
CA ALA C 149 3.23 7.92 -19.46
C ALA C 149 2.07 7.33 -20.24
N LYS C 150 2.30 6.98 -21.50
CA LYS C 150 1.24 6.34 -22.26
C LYS C 150 1.78 5.06 -22.90
N VAL C 151 0.95 4.04 -22.80
CA VAL C 151 1.20 2.74 -23.45
C VAL C 151 0.17 2.54 -24.52
N GLN C 152 0.62 2.12 -25.69
CA GLN C 152 -0.29 1.63 -26.74
C GLN C 152 0.16 0.23 -27.13
N TRP C 153 -0.77 -0.69 -27.19
CA TRP C 153 -0.49 -2.06 -27.66
C TRP C 153 -0.78 -2.14 -29.14
N LYS C 154 0.15 -2.76 -29.88
CA LYS C 154 -0.06 -3.02 -31.30
C LYS C 154 0.18 -4.49 -31.57
N VAL C 155 -0.68 -5.08 -32.41
CA VAL C 155 -0.58 -6.50 -32.77
CA VAL C 155 -0.53 -6.48 -32.78
C VAL C 155 -0.50 -6.52 -34.30
N ASP C 156 0.64 -6.96 -34.82
CA ASP C 156 0.93 -6.78 -36.24
C ASP C 156 0.60 -5.37 -36.73
N ASN C 157 1.00 -4.38 -35.93
CA ASN C 157 0.84 -2.96 -36.19
CA ASN C 157 0.85 -2.95 -36.25
C ASN C 157 -0.58 -2.44 -36.07
N ALA C 158 -1.54 -3.28 -35.66
CA ALA C 158 -2.92 -2.82 -35.46
C ALA C 158 -3.06 -2.31 -34.02
N LEU C 159 -3.50 -1.08 -33.86
CA LEU C 159 -3.66 -0.51 -32.52
C LEU C 159 -4.79 -1.23 -31.78
N GLN C 160 -4.52 -1.65 -30.56
CA GLN C 160 -5.51 -2.34 -29.75
C GLN C 160 -6.30 -1.35 -28.92
N SER C 161 -7.54 -1.72 -28.63
CA SER C 161 -8.32 -0.96 -27.67
CA SER C 161 -8.33 -0.95 -27.69
C SER C 161 -9.25 -1.91 -26.93
N GLY C 162 -9.41 -1.68 -25.63
CA GLY C 162 -10.45 -2.38 -24.93
C GLY C 162 -10.03 -3.67 -24.29
N ASN C 163 -8.77 -4.07 -24.42
CA ASN C 163 -8.32 -5.38 -23.99
C ASN C 163 -7.06 -5.28 -23.13
N SER C 164 -6.80 -4.10 -22.54
CA SER C 164 -5.66 -3.98 -21.64
C SER C 164 -6.05 -3.24 -20.35
N GLN C 165 -5.24 -3.46 -19.32
CA GLN C 165 -5.37 -2.72 -18.06
C GLN C 165 -3.97 -2.35 -17.61
N GLU C 166 -3.87 -1.21 -16.89
CA GLU C 166 -2.55 -0.86 -16.37
C GLU C 166 -2.65 -0.33 -14.96
N SER C 167 -1.50 -0.32 -14.28
CA SER C 167 -1.44 0.41 -13.01
C SER C 167 -0.02 0.93 -12.80
N VAL C 168 0.07 1.99 -12.00
CA VAL C 168 1.32 2.65 -11.71
CA VAL C 168 1.31 2.67 -11.70
C VAL C 168 1.63 2.45 -10.22
N THR C 169 2.91 2.33 -9.90
CA THR C 169 3.31 2.21 -8.50
C THR C 169 3.18 3.56 -7.77
N GLU C 170 3.18 3.49 -6.44
CA GLU C 170 3.56 4.63 -5.64
C GLU C 170 4.99 5.10 -6.04
N GLN C 171 5.31 6.32 -5.66
CA GLN C 171 6.66 6.83 -5.92
C GLN C 171 7.69 6.07 -5.08
N ASP C 172 8.87 5.85 -5.65
CA ASP C 172 9.92 5.14 -4.94
C ASP C 172 10.54 6.03 -3.88
N SER C 173 10.79 5.48 -2.70
CA SER C 173 11.30 6.27 -1.58
CA SER C 173 11.29 6.29 -1.60
C SER C 173 12.80 6.57 -1.71
N LYS C 174 13.51 5.92 -2.62
CA LYS C 174 14.94 6.16 -2.80
C LYS C 174 15.22 7.01 -4.03
N ASP C 175 14.66 6.65 -5.19
CA ASP C 175 15.00 7.37 -6.43
C ASP C 175 13.87 8.23 -6.96
N SER C 176 12.74 8.28 -6.25
CA SER C 176 11.64 9.18 -6.57
C SER C 176 11.00 8.91 -7.92
N THR C 177 11.20 7.72 -8.49
CA THR C 177 10.57 7.35 -9.76
C THR C 177 9.30 6.56 -9.54
N TYR C 178 8.62 6.32 -10.69
CA TYR C 178 7.43 5.48 -10.75
C TYR C 178 7.71 4.33 -11.71
N SER C 179 6.94 3.26 -11.58
CA SER C 179 6.95 2.25 -12.65
C SER C 179 5.51 1.90 -12.99
N LEU C 180 5.31 1.33 -14.18
CA LEU C 180 3.97 1.04 -14.67
C LEU C 180 3.97 -0.32 -15.37
N SER C 181 2.89 -1.08 -15.16
CA SER C 181 2.71 -2.37 -15.79
C SER C 181 1.39 -2.31 -16.53
N SER C 182 1.41 -2.76 -17.78
CA SER C 182 0.21 -2.89 -18.59
C SER C 182 0.07 -4.33 -19.06
N THR C 183 -1.15 -4.86 -19.03
CA THR C 183 -1.38 -6.23 -19.43
C THR C 183 -2.43 -6.25 -20.53
N LEU C 184 -2.06 -6.84 -21.68
CA LEU C 184 -2.96 -7.07 -22.79
C LEU C 184 -3.46 -8.51 -22.65
N THR C 185 -4.78 -8.72 -22.62
CA THR C 185 -5.30 -10.07 -22.40
C THR C 185 -6.14 -10.46 -23.60
N LEU C 186 -5.79 -11.59 -24.21
CA LEU C 186 -6.47 -12.16 -25.38
C LEU C 186 -6.79 -13.62 -25.06
N SER C 187 -7.75 -14.17 -25.80
CA SER C 187 -7.89 -15.61 -25.77
C SER C 187 -6.66 -16.24 -26.44
N LYS C 188 -6.38 -17.51 -26.09
CA LYS C 188 -5.34 -18.25 -26.82
C LYS C 188 -5.60 -18.27 -28.32
N ALA C 189 -6.86 -18.47 -28.72
CA ALA C 189 -7.17 -18.54 -30.15
C ALA C 189 -6.84 -17.23 -30.84
N ASP C 190 -7.16 -16.09 -30.22
CA ASP C 190 -6.86 -14.83 -30.88
C ASP C 190 -5.35 -14.60 -30.86
N TYR C 191 -4.71 -14.89 -29.73
CA TYR C 191 -3.26 -14.72 -29.61
C TYR C 191 -2.52 -15.42 -30.75
N GLU C 192 -2.97 -16.62 -31.10
CA GLU C 192 -2.28 -17.43 -32.10
C GLU C 192 -2.54 -16.98 -33.53
N LYS C 193 -3.40 -16.00 -33.74
CA LYS C 193 -3.66 -15.49 -35.09
C LYS C 193 -2.64 -14.46 -35.54
N HIS C 194 -1.74 -14.00 -34.69
CA HIS C 194 -0.89 -12.87 -35.02
C HIS C 194 0.56 -13.14 -34.67
N LYS C 195 1.48 -12.38 -35.28
CA LYS C 195 2.90 -12.59 -35.06
C LYS C 195 3.49 -11.58 -34.09
N VAL C 196 3.43 -10.30 -34.43
CA VAL C 196 4.22 -9.29 -33.70
C VAL C 196 3.37 -8.66 -32.63
N TYR C 197 3.84 -8.76 -31.38
CA TYR C 197 3.17 -8.17 -30.22
C TYR C 197 4.07 -7.03 -29.73
N ALA C 198 3.52 -5.82 -29.71
CA ALA C 198 4.36 -4.64 -29.48
C ALA C 198 3.71 -3.72 -28.45
N CYS C 199 4.53 -3.17 -27.59
CA CYS C 199 4.05 -2.10 -26.75
CA CYS C 199 4.13 -2.14 -26.65
C CYS C 199 4.85 -0.86 -27.04
N GLU C 200 4.13 0.22 -27.26
CA GLU C 200 4.69 1.48 -27.70
C GLU C 200 4.50 2.50 -26.58
N VAL C 201 5.60 3.10 -26.15
CA VAL C 201 5.65 3.89 -24.94
C VAL C 201 6.00 5.31 -25.27
N THR C 202 5.19 6.26 -24.76
CA THR C 202 5.40 7.70 -24.85
CA THR C 202 5.53 7.66 -24.84
C THR C 202 5.67 8.23 -23.44
N HIS C 203 6.65 9.11 -23.32
CA HIS C 203 6.99 9.68 -22.01
C HIS C 203 7.81 10.92 -22.27
N GLN C 204 7.73 11.87 -21.34
CA GLN C 204 8.48 13.10 -21.44
C GLN C 204 9.96 12.88 -21.70
N GLY C 205 10.53 11.81 -21.13
CA GLY C 205 11.97 11.61 -21.33
C GLY C 205 12.34 11.01 -22.67
N LEU C 206 11.37 10.78 -23.55
CA LEU C 206 11.60 10.17 -24.86
C LEU C 206 11.19 11.19 -25.92
N SER C 207 12.04 11.38 -26.94
CA SER C 207 11.66 12.32 -27.98
CA SER C 207 11.71 12.30 -28.02
C SER C 207 10.77 11.70 -29.04
N SER C 208 10.69 10.38 -29.09
CA SER C 208 9.84 9.61 -29.99
C SER C 208 9.41 8.37 -29.23
N PRO C 209 8.27 7.77 -29.58
CA PRO C 209 7.84 6.56 -28.87
C PRO C 209 8.88 5.45 -29.00
N VAL C 210 9.04 4.72 -27.93
CA VAL C 210 9.87 3.52 -27.87
C VAL C 210 8.96 2.33 -28.06
N THR C 211 9.36 1.39 -28.91
CA THR C 211 8.59 0.18 -29.08
C THR C 211 9.42 -1.01 -28.63
N LYS C 212 8.83 -1.88 -27.80
CA LYS C 212 9.43 -3.16 -27.45
C LYS C 212 8.46 -4.20 -27.97
N SER C 213 9.00 -5.21 -28.66
CA SER C 213 8.10 -6.17 -29.26
C SER C 213 8.74 -7.55 -29.21
N PHE C 214 7.91 -8.57 -29.45
CA PHE C 214 8.41 -9.91 -29.70
C PHE C 214 7.59 -10.55 -30.82
N ASN C 215 8.18 -11.57 -31.42
CA ASN C 215 7.49 -12.40 -32.40
C ASN C 215 6.96 -13.65 -31.72
N ARG C 216 5.65 -13.88 -31.77
CA ARG C 216 5.06 -14.98 -31.04
C ARG C 216 5.71 -16.31 -31.38
N GLY C 217 6.08 -17.07 -30.34
CA GLY C 217 6.59 -18.41 -30.50
C GLY C 217 7.97 -18.41 -31.10
N GLU C 218 8.89 -17.71 -30.45
CA GLU C 218 10.25 -17.53 -30.97
C GLU C 218 11.23 -17.18 -29.86
#